data_7XTN
#
_entry.id   7XTN
#
_cell.length_a   32.697
_cell.length_b   64.098
_cell.length_c   79.148
_cell.angle_alpha   90.000
_cell.angle_beta   95.891
_cell.angle_gamma   90.000
#
_symmetry.space_group_name_H-M   'P 1 21 1'
#
loop_
_entity.id
_entity.type
_entity.pdbx_description
1 polymer 'N-acetylglucosaminyltransferase IV'
2 non-polymer 2-acetamido-2-deoxy-beta-D-glucopyranose
3 non-polymer 1,2-ETHANEDIOL
4 water water
#
_entity_poly.entity_id   1
_entity_poly.type   'polypeptide(L)'
_entity_poly.pdbx_seq_one_letter_code
;MGSSHHHHHHSSGLVPRGSHMQSYFPHQNPPAQKITTTIEDYYQHSIQNAYEGIDFFWGKKPKKGDTLEFWYGRPLQIKR
VTFRSGNAEHITDQFYNTVVEVLPAFGDNNFTTILHFDEFGLADGDVEEEFSLVKAIRLRVNADSKYWVILSEIYIQTPD
EKKT
;
_entity_poly.pdbx_strand_id   A,B
#
loop_
_chem_comp.id
_chem_comp.type
_chem_comp.name
_chem_comp.formula
EDO non-polymer 1,2-ETHANEDIOL 'C2 H6 O2'
NAG D-saccharide, beta linking 2-acetamido-2-deoxy-beta-D-glucopyranose 'C8 H15 N O6'
#
# COMPACT_ATOMS: atom_id res chain seq x y z
N HIS A 5 0.75 -18.49 -4.05
CA HIS A 5 0.24 -19.01 -5.35
C HIS A 5 -1.24 -19.36 -5.20
N HIS A 6 -2.07 -18.32 -5.10
CA HIS A 6 -3.53 -18.43 -4.88
C HIS A 6 -4.22 -18.88 -6.16
N HIS A 7 -5.26 -19.68 -6.04
CA HIS A 7 -6.05 -20.18 -7.18
C HIS A 7 -7.24 -19.25 -7.41
N HIS A 8 -7.23 -18.59 -8.57
CA HIS A 8 -8.32 -17.69 -9.01
C HIS A 8 -9.60 -18.49 -9.20
N HIS A 9 -10.71 -18.04 -8.60
CA HIS A 9 -12.04 -18.67 -8.74
C HIS A 9 -12.77 -17.95 -9.88
N HIS A 10 -12.84 -18.61 -11.03
CA HIS A 10 -13.46 -18.09 -12.29
C HIS A 10 -14.97 -18.00 -12.14
N SER A 11 -15.51 -16.82 -12.45
CA SER A 11 -16.93 -16.48 -12.22
C SER A 11 -17.58 -15.92 -13.49
N SER A 12 -16.87 -15.96 -14.64
CA SER A 12 -17.39 -15.40 -15.91
C SER A 12 -18.16 -16.49 -16.68
N GLY A 13 -18.41 -17.64 -16.06
CA GLY A 13 -19.45 -18.59 -16.50
C GLY A 13 -20.80 -18.02 -16.11
N LEU A 14 -21.48 -17.36 -17.05
CA LEU A 14 -22.64 -16.47 -16.72
C LEU A 14 -23.91 -17.30 -16.54
N VAL A 15 -24.77 -16.83 -15.64
CA VAL A 15 -26.04 -17.53 -15.28
C VAL A 15 -27.18 -16.53 -15.37
N PRO A 16 -28.43 -17.05 -15.49
CA PRO A 16 -29.62 -16.23 -15.26
C PRO A 16 -29.58 -15.56 -13.89
N ARG A 17 -29.87 -14.27 -13.88
CA ARG A 17 -30.01 -13.47 -12.64
C ARG A 17 -31.17 -14.03 -11.80
N GLY A 18 -31.06 -13.93 -10.47
CA GLY A 18 -32.12 -14.32 -9.51
C GLY A 18 -33.23 -13.28 -9.46
N SER A 19 -32.89 -11.99 -9.55
CA SER A 19 -33.84 -10.86 -9.44
C SER A 19 -33.84 -10.03 -10.73
N HIS A 20 -35.02 -9.53 -11.12
CA HIS A 20 -35.22 -8.70 -12.34
C HIS A 20 -35.44 -7.24 -11.98
N MET A 21 -35.30 -6.92 -10.69
CA MET A 21 -35.42 -5.54 -10.16
C MET A 21 -34.22 -4.72 -10.63
N GLN A 22 -34.34 -3.39 -10.61
CA GLN A 22 -33.27 -2.45 -11.04
C GLN A 22 -32.02 -2.68 -10.18
N SER A 23 -30.85 -2.78 -10.81
CA SER A 23 -29.56 -3.11 -10.16
C SER A 23 -28.77 -1.82 -9.85
N TYR A 24 -29.17 -0.69 -10.45
CA TYR A 24 -28.35 0.55 -10.43
C TYR A 24 -29.25 1.76 -10.68
N PHE A 25 -29.00 2.83 -9.96
CA PHE A 25 -29.79 4.09 -9.97
C PHE A 25 -28.83 5.22 -10.28
N PRO A 26 -28.67 5.59 -11.56
CA PRO A 26 -27.66 6.59 -11.93
C PRO A 26 -28.03 7.99 -11.47
N HIS A 27 -27.00 8.79 -11.24
CA HIS A 27 -27.12 10.25 -11.00
C HIS A 27 -25.98 10.97 -11.67
N GLN A 28 -26.27 12.19 -12.08
CA GLN A 28 -25.26 13.17 -12.44
C GLN A 28 -24.79 13.78 -11.14
N ASN A 29 -23.56 13.46 -10.75
CA ASN A 29 -22.98 14.00 -9.51
C ASN A 29 -22.01 15.12 -9.87
N PRO A 30 -21.64 15.96 -8.88
CA PRO A 30 -20.74 17.07 -9.17
C PRO A 30 -19.42 16.53 -9.66
N PRO A 31 -18.79 17.19 -10.65
CA PRO A 31 -17.54 16.67 -11.18
C PRO A 31 -16.46 16.58 -10.10
N ALA A 32 -15.82 15.43 -10.04
CA ALA A 32 -14.76 15.14 -9.05
C ALA A 32 -13.40 15.35 -9.71
N GLN A 33 -12.46 15.95 -9.00
CA GLN A 33 -11.06 16.12 -9.47
C GLN A 33 -10.36 14.77 -9.43
N LYS A 34 -10.64 13.97 -8.40
CA LYS A 34 -9.97 12.67 -8.19
C LYS A 34 -10.96 11.73 -7.51
N ILE A 35 -11.00 10.49 -7.97
CA ILE A 35 -11.75 9.42 -7.29
C ILE A 35 -10.75 8.30 -7.04
N THR A 36 -10.60 7.89 -5.78
CA THR A 36 -9.67 6.80 -5.41
C THR A 36 -10.45 5.72 -4.65
N THR A 37 -9.99 4.48 -4.72
CA THR A 37 -10.42 3.45 -3.73
C THR A 37 -9.25 2.48 -3.55
N THR A 38 -9.21 1.91 -2.37
CA THR A 38 -8.27 0.84 -2.03
C THR A 38 -8.93 -0.52 -2.26
N ILE A 39 -10.21 -0.56 -2.64
CA ILE A 39 -10.96 -1.84 -2.82
C ILE A 39 -10.83 -2.27 -4.27
N GLU A 40 -10.37 -3.49 -4.49
CA GLU A 40 -10.31 -4.13 -5.83
C GLU A 40 -11.73 -4.21 -6.41
N ASP A 41 -11.93 -3.77 -7.63
CA ASP A 41 -13.26 -3.89 -8.28
C ASP A 41 -13.34 -5.22 -9.05
N TYR A 42 -14.52 -5.49 -9.56
CA TYR A 42 -14.86 -6.82 -10.13
C TYR A 42 -15.61 -6.56 -11.43
N TYR A 43 -15.18 -7.26 -12.47
CA TYR A 43 -15.91 -7.29 -13.76
C TYR A 43 -16.08 -5.86 -14.30
N GLN A 44 -15.07 -5.01 -14.09
CA GLN A 44 -14.99 -3.61 -14.61
C GLN A 44 -16.09 -2.70 -14.02
N HIS A 45 -16.70 -3.12 -12.92
CA HIS A 45 -17.71 -2.32 -12.17
C HIS A 45 -16.98 -1.32 -11.25
N SER A 46 -16.39 -0.31 -11.86
CA SER A 46 -15.45 0.58 -11.18
C SER A 46 -16.22 1.59 -10.33
N ILE A 47 -15.55 2.15 -9.34
CA ILE A 47 -16.16 3.21 -8.51
C ILE A 47 -16.37 4.46 -9.36
N GLN A 48 -15.48 4.74 -10.29
CA GLN A 48 -15.68 5.90 -11.20
C GLN A 48 -16.95 5.70 -12.02
N ASN A 49 -17.21 4.49 -12.50
CA ASN A 49 -18.45 4.21 -13.27
C ASN A 49 -19.66 4.48 -12.41
N ALA A 50 -19.64 4.04 -11.16
CA ALA A 50 -20.80 4.24 -10.30
C ALA A 50 -21.02 5.74 -10.06
N TYR A 51 -19.94 6.46 -9.76
CA TYR A 51 -20.05 7.91 -9.49
C TYR A 51 -20.58 8.66 -10.72
N GLU A 52 -20.11 8.26 -11.89
CA GLU A 52 -20.38 8.98 -13.16
C GLU A 52 -21.70 8.54 -13.79
N GLY A 53 -22.46 7.64 -13.20
CA GLY A 53 -23.81 7.30 -13.68
C GLY A 53 -23.81 6.18 -14.71
N ILE A 54 -22.72 5.42 -14.86
CA ILE A 54 -22.58 4.39 -15.91
C ILE A 54 -23.11 3.04 -15.42
N ASP A 55 -22.68 2.55 -14.27
CA ASP A 55 -23.12 1.22 -13.79
C ASP A 55 -22.72 1.09 -12.34
N PHE A 56 -23.22 0.08 -11.69
CA PHE A 56 -22.99 -0.07 -10.23
C PHE A 56 -21.53 -0.42 -9.98
N PHE A 57 -21.07 -0.05 -8.80
CA PHE A 57 -19.74 -0.45 -8.31
C PHE A 57 -19.84 -1.83 -7.69
N TRP A 58 -18.87 -2.68 -8.00
CA TRP A 58 -18.77 -4.03 -7.40
C TRP A 58 -17.33 -4.22 -6.98
N GLY A 59 -17.12 -4.30 -5.68
CA GLY A 59 -15.81 -4.48 -5.09
C GLY A 59 -15.71 -5.80 -4.36
N LYS A 60 -14.47 -6.23 -4.17
CA LYS A 60 -14.14 -7.44 -3.40
C LYS A 60 -14.36 -7.13 -1.93
N LYS A 61 -14.08 -8.07 -1.05
CA LYS A 61 -14.39 -7.88 0.38
C LYS A 61 -13.69 -6.68 0.95
N PRO A 62 -14.44 -5.71 1.51
CA PRO A 62 -13.79 -4.63 2.23
C PRO A 62 -12.95 -5.11 3.41
N LYS A 63 -11.87 -4.40 3.65
CA LYS A 63 -11.03 -4.62 4.84
C LYS A 63 -11.00 -3.37 5.70
N LYS A 64 -10.77 -3.57 6.99
CA LYS A 64 -10.55 -2.45 7.93
C LYS A 64 -9.53 -1.48 7.34
N GLY A 65 -9.90 -0.20 7.28
CA GLY A 65 -9.01 0.87 6.77
C GLY A 65 -9.26 1.19 5.30
N ASP A 66 -10.01 0.37 4.56
CA ASP A 66 -10.27 0.66 3.14
C ASP A 66 -11.02 2.00 3.04
N THR A 67 -10.74 2.70 1.96
CA THR A 67 -11.45 3.97 1.67
C THR A 67 -11.92 3.99 0.24
N LEU A 68 -12.91 4.82 0.00
CA LEU A 68 -13.36 5.21 -1.35
C LEU A 68 -13.56 6.71 -1.25
N GLU A 69 -12.82 7.47 -2.05
CA GLU A 69 -12.74 8.94 -1.81
C GLU A 69 -13.09 9.69 -3.08
N PHE A 70 -13.82 10.78 -2.90
CA PHE A 70 -14.19 11.74 -3.96
C PHE A 70 -13.64 13.10 -3.53
N TRP A 71 -12.71 13.62 -4.32
CA TRP A 71 -12.04 14.91 -4.07
C TRP A 71 -12.50 15.92 -5.10
N TYR A 72 -12.77 17.13 -4.65
CA TYR A 72 -13.27 18.24 -5.49
C TYR A 72 -12.20 19.32 -5.64
N GLY A 73 -12.15 19.87 -6.83
CA GLY A 73 -11.16 20.90 -7.19
C GLY A 73 -11.44 22.27 -6.61
N ARG A 74 -12.67 22.56 -6.20
CA ARG A 74 -13.12 23.84 -5.62
C ARG A 74 -14.13 23.51 -4.53
N PRO A 75 -14.32 24.36 -3.50
CA PRO A 75 -15.31 24.08 -2.48
C PRO A 75 -16.65 23.69 -3.12
N LEU A 76 -17.23 22.59 -2.66
CA LEU A 76 -18.48 22.03 -3.22
C LEU A 76 -19.55 22.14 -2.15
N GLN A 77 -20.65 22.77 -2.50
CA GLN A 77 -21.84 22.85 -1.63
CA GLN A 77 -21.86 22.85 -1.64
C GLN A 77 -22.70 21.60 -1.84
N ILE A 78 -22.99 20.91 -0.76
CA ILE A 78 -23.81 19.68 -0.80
C ILE A 78 -24.99 19.86 0.15
N LYS A 79 -26.11 19.27 -0.22
CA LYS A 79 -27.34 19.27 0.59
C LYS A 79 -27.62 17.90 1.17
N ARG A 80 -27.46 16.84 0.39
CA ARG A 80 -27.76 15.48 0.86
C ARG A 80 -26.72 14.54 0.27
N VAL A 81 -26.47 13.45 0.96
CA VAL A 81 -25.57 12.38 0.47
C VAL A 81 -26.32 11.08 0.58
N THR A 82 -26.21 10.26 -0.44
CA THR A 82 -26.75 8.91 -0.48
C THR A 82 -25.73 7.94 -1.05
N PHE A 83 -25.43 6.91 -0.30
CA PHE A 83 -24.69 5.73 -0.76
C PHE A 83 -25.56 4.53 -0.47
N ARG A 84 -26.02 3.83 -1.48
CA ARG A 84 -26.90 2.68 -1.32
C ARG A 84 -26.08 1.44 -1.63
N SER A 85 -25.94 0.55 -0.67
CA SER A 85 -25.12 -0.64 -0.85
C SER A 85 -25.99 -1.88 -0.94
N GLY A 86 -25.39 -2.93 -1.45
CA GLY A 86 -26.13 -4.11 -1.84
C GLY A 86 -26.96 -3.82 -3.09
N ASN A 87 -27.55 -4.84 -3.63
CA ASN A 87 -28.65 -4.66 -4.60
C ASN A 87 -29.55 -5.88 -4.47
N ALA A 88 -30.63 -5.93 -5.23
CA ALA A 88 -31.62 -7.01 -5.12
C ALA A 88 -31.00 -8.37 -5.50
N GLU A 89 -30.02 -8.39 -6.40
CA GLU A 89 -29.40 -9.67 -6.82
CA GLU A 89 -29.34 -9.63 -6.85
C GLU A 89 -28.39 -10.13 -5.76
N HIS A 90 -27.88 -9.21 -4.92
CA HIS A 90 -26.79 -9.48 -3.97
C HIS A 90 -27.07 -8.78 -2.64
N ILE A 91 -28.05 -9.21 -1.86
CA ILE A 91 -28.51 -8.38 -0.68
C ILE A 91 -27.44 -8.42 0.42
N THR A 92 -26.58 -9.43 0.43
CA THR A 92 -25.47 -9.52 1.41
C THR A 92 -24.38 -8.49 1.12
N ASP A 93 -24.24 -8.03 -0.12
CA ASP A 93 -23.02 -7.30 -0.56
C ASP A 93 -23.13 -5.81 -0.22
N GLN A 94 -23.19 -5.54 1.08
CA GLN A 94 -23.39 -4.19 1.63
C GLN A 94 -22.06 -3.66 2.13
N PHE A 95 -22.01 -2.37 2.41
CA PHE A 95 -20.98 -1.81 3.28
C PHE A 95 -21.42 -1.99 4.71
N TYR A 96 -20.68 -2.78 5.46
CA TYR A 96 -20.91 -2.99 6.91
C TYR A 96 -19.83 -2.22 7.66
N ASN A 97 -20.20 -1.73 8.85
CA ASN A 97 -19.22 -1.10 9.76
C ASN A 97 -18.41 -0.07 8.99
N THR A 98 -19.12 0.77 8.22
CA THR A 98 -18.50 1.78 7.31
C THR A 98 -19.17 3.11 7.60
N VAL A 99 -18.37 4.16 7.56
CA VAL A 99 -18.88 5.54 7.68
C VAL A 99 -18.73 6.31 6.38
N VAL A 100 -19.61 7.26 6.23
CA VAL A 100 -19.45 8.37 5.26
C VAL A 100 -18.88 9.54 6.02
N GLU A 101 -17.80 10.09 5.49
CA GLU A 101 -17.15 11.23 6.14
C GLU A 101 -16.98 12.33 5.12
N VAL A 102 -16.91 13.56 5.61
CA VAL A 102 -16.58 14.70 4.74
C VAL A 102 -15.34 15.40 5.29
N LEU A 103 -14.63 16.00 4.38
CA LEU A 103 -13.53 16.92 4.68
C LEU A 103 -14.04 18.31 4.37
N PRO A 104 -14.36 19.13 5.40
CA PRO A 104 -14.87 20.45 5.10
C PRO A 104 -13.82 21.29 4.36
N ALA A 105 -14.30 22.16 3.49
CA ALA A 105 -13.46 23.12 2.75
C ALA A 105 -12.68 24.01 3.71
N PHE A 106 -13.34 24.46 4.78
CA PHE A 106 -12.85 25.32 5.91
C PHE A 106 -13.49 24.74 7.20
N GLY A 107 -12.76 24.67 8.32
CA GLY A 107 -13.36 24.41 9.65
C GLY A 107 -12.77 23.21 10.38
N ASP A 108 -12.16 22.30 9.64
CA ASP A 108 -11.51 21.08 10.18
C ASP A 108 -10.64 20.50 9.08
N ASN A 109 -9.37 20.19 9.39
CA ASN A 109 -8.35 19.73 8.41
C ASN A 109 -8.30 18.19 8.38
N ASN A 110 -9.26 17.51 9.03
CA ASN A 110 -9.43 16.04 9.02
C ASN A 110 -10.87 15.69 8.59
N PHE A 111 -11.13 14.44 8.22
CA PHE A 111 -12.50 13.98 7.83
C PHE A 111 -13.33 13.81 9.09
N THR A 112 -14.61 14.10 9.01
CA THR A 112 -15.61 13.94 10.10
C THR A 112 -16.73 13.05 9.58
N THR A 113 -17.14 12.11 10.39
CA THR A 113 -18.26 11.20 10.09
C THR A 113 -19.57 11.96 10.05
N ILE A 114 -20.33 11.78 8.95
CA ILE A 114 -21.68 12.39 8.84
C ILE A 114 -22.74 11.31 8.78
N LEU A 115 -22.46 10.08 8.35
CA LEU A 115 -23.50 9.04 8.19
C LEU A 115 -22.86 7.68 8.43
N HIS A 116 -23.70 6.73 8.78
CA HIS A 116 -23.39 5.28 8.88
C HIS A 116 -24.25 4.54 7.87
N PHE A 117 -23.78 3.39 7.44
CA PHE A 117 -24.62 2.45 6.68
C PHE A 117 -25.53 1.74 7.67
N ASP A 118 -26.81 1.91 7.46
CA ASP A 118 -27.90 1.46 8.37
C ASP A 118 -28.25 -0.01 8.12
N GLU A 119 -29.31 -0.48 8.78
CA GLU A 119 -29.69 -1.90 8.72
C GLU A 119 -30.18 -2.31 7.34
N PHE A 120 -30.41 -1.35 6.45
CA PHE A 120 -30.76 -1.63 5.04
C PHE A 120 -29.53 -1.48 4.15
N GLY A 121 -28.33 -1.26 4.66
CA GLY A 121 -27.17 -1.04 3.79
C GLY A 121 -27.19 0.34 3.17
N LEU A 122 -27.94 1.30 3.71
CA LEU A 122 -28.08 2.63 3.12
C LEU A 122 -27.43 3.66 4.03
N ALA A 123 -26.61 4.52 3.47
CA ALA A 123 -26.11 5.71 4.16
C ALA A 123 -26.73 6.90 3.46
N ASP A 124 -27.68 7.55 4.08
CA ASP A 124 -28.50 8.57 3.42
C ASP A 124 -28.90 9.62 4.45
N GLY A 125 -28.73 10.88 4.11
CA GLY A 125 -29.22 11.93 5.00
C GLY A 125 -28.93 13.30 4.47
N ASP A 126 -29.65 14.26 5.01
CA ASP A 126 -29.34 15.68 4.84
C ASP A 126 -28.02 16.01 5.55
N VAL A 127 -27.20 16.82 4.92
CA VAL A 127 -25.90 17.24 5.50
C VAL A 127 -26.15 18.50 6.34
N GLU A 128 -25.65 18.50 7.56
CA GLU A 128 -25.75 19.69 8.44
C GLU A 128 -24.94 20.83 7.81
N GLU A 129 -25.36 22.05 8.09
CA GLU A 129 -24.74 23.23 7.43
C GLU A 129 -23.23 23.27 7.65
N GLU A 130 -22.73 22.92 8.83
CA GLU A 130 -21.27 23.03 9.13
C GLU A 130 -20.46 22.07 8.27
N PHE A 131 -21.08 21.04 7.68
CA PHE A 131 -20.38 20.04 6.85
C PHE A 131 -20.78 20.18 5.40
N SER A 132 -21.47 21.27 5.04
CA SER A 132 -22.12 21.37 3.72
C SER A 132 -21.20 21.94 2.64
N LEU A 133 -20.06 22.54 3.00
CA LEU A 133 -19.11 23.05 1.99
C LEU A 133 -17.85 22.23 2.09
N VAL A 134 -17.60 21.38 1.10
CA VAL A 134 -16.62 20.29 1.25
C VAL A 134 -15.51 20.38 0.24
N LYS A 135 -14.40 19.79 0.63
CA LYS A 135 -13.27 19.45 -0.23
C LYS A 135 -13.36 18.01 -0.70
N ALA A 136 -13.83 17.09 0.14
CA ALA A 136 -13.84 15.65 -0.20
C ALA A 136 -14.96 15.00 0.58
N ILE A 137 -15.41 13.87 0.04
CA ILE A 137 -16.39 12.95 0.66
C ILE A 137 -15.78 11.58 0.56
N ARG A 138 -15.85 10.79 1.61
CA ARG A 138 -15.35 9.42 1.46
C ARG A 138 -16.14 8.43 2.27
N LEU A 139 -15.96 7.18 1.88
CA LEU A 139 -16.33 6.03 2.74
C LEU A 139 -15.07 5.52 3.39
N ARG A 140 -15.16 5.17 4.67
CA ARG A 140 -14.04 4.55 5.41
C ARG A 140 -14.58 3.32 6.12
N VAL A 141 -13.95 2.20 5.86
CA VAL A 141 -14.38 0.89 6.37
C VAL A 141 -13.68 0.66 7.71
N ASN A 142 -14.46 0.35 8.74
CA ASN A 142 -13.91 0.12 10.11
C ASN A 142 -13.69 -1.34 10.44
N ALA A 143 -14.10 -2.30 9.61
CA ALA A 143 -13.92 -3.72 9.95
C ALA A 143 -13.87 -4.52 8.67
N ASP A 144 -13.20 -5.67 8.73
CA ASP A 144 -13.20 -6.61 7.60
C ASP A 144 -14.62 -7.13 7.41
N SER A 145 -15.04 -7.32 6.16
CA SER A 145 -16.32 -7.94 5.81
C SER A 145 -16.10 -9.39 5.35
N LYS A 146 -17.12 -10.19 5.55
CA LYS A 146 -17.21 -11.55 4.98
C LYS A 146 -17.75 -11.51 3.55
N TYR A 147 -18.23 -10.34 3.09
CA TYR A 147 -18.95 -10.26 1.79
C TYR A 147 -18.25 -9.29 0.87
N TRP A 148 -18.44 -9.47 -0.42
CA TRP A 148 -18.10 -8.42 -1.40
C TRP A 148 -19.05 -7.24 -1.19
N VAL A 149 -18.86 -6.20 -1.99
CA VAL A 149 -19.64 -4.95 -1.75
C VAL A 149 -20.11 -4.39 -3.07
N ILE A 150 -21.34 -3.93 -3.07
CA ILE A 150 -21.93 -3.23 -4.22
C ILE A 150 -22.41 -1.86 -3.79
N LEU A 151 -22.18 -0.86 -4.64
CA LEU A 151 -22.89 0.42 -4.53
C LEU A 151 -23.80 0.53 -5.73
N SER A 152 -25.10 0.51 -5.47
CA SER A 152 -26.14 0.62 -6.51
C SER A 152 -26.61 2.05 -6.68
N GLU A 153 -26.24 2.98 -5.81
CA GLU A 153 -26.63 4.38 -5.97
C GLU A 153 -25.62 5.22 -5.23
N ILE A 154 -25.13 6.25 -5.90
CA ILE A 154 -24.33 7.32 -5.29
C ILE A 154 -24.97 8.62 -5.72
N TYR A 155 -25.49 9.38 -4.77
CA TYR A 155 -26.11 10.67 -5.11
C TYR A 155 -25.60 11.73 -4.16
N ILE A 156 -24.79 12.63 -4.69
CA ILE A 156 -24.29 13.82 -3.98
C ILE A 156 -25.16 14.98 -4.44
N GLN A 157 -26.21 15.24 -3.69
CA GLN A 157 -27.23 16.23 -4.11
C GLN A 157 -26.79 17.61 -3.65
N THR A 158 -26.79 18.56 -4.58
CA THR A 158 -26.42 19.96 -4.29
C THR A 158 -27.68 20.73 -3.94
N PRO A 159 -27.55 21.92 -3.30
CA PRO A 159 -28.71 22.71 -2.92
C PRO A 159 -29.39 23.41 -4.10
N ASP A 160 -28.83 23.32 -5.31
CA ASP A 160 -29.47 23.85 -6.55
C ASP A 160 -30.27 22.73 -7.20
N LEU B 14 28.49 19.26 -17.84
CA LEU B 14 29.10 18.30 -16.88
C LEU B 14 30.12 19.03 -15.99
N VAL B 15 30.39 18.48 -14.81
CA VAL B 15 31.23 19.12 -13.75
C VAL B 15 32.25 18.14 -13.19
N PRO B 16 33.43 18.63 -12.77
CA PRO B 16 34.43 17.81 -12.09
C PRO B 16 34.03 17.51 -10.64
N HIS B 20 35.41 15.55 -3.55
CA HIS B 20 34.12 14.85 -3.29
C HIS B 20 34.19 13.49 -3.97
N MET B 21 34.05 12.43 -3.18
CA MET B 21 34.21 11.04 -3.66
C MET B 21 32.83 10.47 -4.02
N GLN B 22 32.83 9.45 -4.87
CA GLN B 22 31.63 8.72 -5.34
C GLN B 22 30.76 8.30 -4.14
N SER B 23 29.45 8.54 -4.22
CA SER B 23 28.51 8.40 -3.09
C SER B 23 27.76 7.07 -3.16
N TYR B 24 27.88 6.36 -4.28
CA TYR B 24 27.06 5.16 -4.55
C TYR B 24 27.80 4.24 -5.51
N PHE B 25 27.73 2.94 -5.25
CA PHE B 25 28.44 1.89 -6.00
C PHE B 25 27.40 0.91 -6.51
N PRO B 26 26.82 1.14 -7.69
CA PRO B 26 25.72 0.31 -8.17
C PRO B 26 26.17 -1.10 -8.55
N HIS B 27 25.23 -2.05 -8.41
CA HIS B 27 25.43 -3.43 -8.85
C HIS B 27 24.16 -3.93 -9.50
N GLN B 28 24.35 -4.84 -10.44
CA GLN B 28 23.27 -5.67 -11.01
C GLN B 28 23.06 -6.86 -10.06
N ASN B 29 22.02 -6.77 -9.26
CA ASN B 29 21.71 -7.81 -8.27
C ASN B 29 20.66 -8.75 -8.85
N PRO B 30 20.57 -10.00 -8.31
CA PRO B 30 19.59 -10.95 -8.82
C PRO B 30 18.19 -10.36 -8.70
N PRO B 31 17.33 -10.53 -9.72
CA PRO B 31 15.99 -9.93 -9.66
C PRO B 31 15.20 -10.37 -8.42
N ALA B 32 14.60 -9.41 -7.73
CA ALA B 32 13.83 -9.65 -6.50
C ALA B 32 12.35 -9.64 -6.85
N GLN B 33 11.59 -10.55 -6.26
CA GLN B 33 10.11 -10.59 -6.42
C GLN B 33 9.51 -9.38 -5.70
N LYS B 34 10.04 -9.05 -4.52
CA LYS B 34 9.52 -7.95 -3.68
C LYS B 34 10.68 -7.39 -2.88
N ILE B 35 10.71 -6.08 -2.72
CA ILE B 35 11.63 -5.36 -1.82
C ILE B 35 10.78 -4.53 -0.89
N THR B 36 10.98 -4.67 0.41
CA THR B 36 10.21 -3.93 1.41
C THR B 36 11.17 -3.31 2.42
N THR B 37 10.80 -2.18 3.00
CA THR B 37 11.42 -1.69 4.25
C THR B 37 10.37 -0.95 5.07
N THR B 38 10.49 -1.07 6.38
CA THR B 38 9.67 -0.29 7.33
C THR B 38 10.29 1.09 7.53
N ILE B 39 11.49 1.36 7.03
CA ILE B 39 12.19 2.65 7.21
C ILE B 39 11.72 3.63 6.13
N GLU B 40 11.26 4.80 6.54
CA GLU B 40 10.91 5.89 5.61
C GLU B 40 12.14 6.33 4.82
N ASP B 41 12.00 6.55 3.53
CA ASP B 41 13.15 6.98 2.69
C ASP B 41 13.10 8.49 2.44
N TYR B 42 14.07 8.98 1.70
CA TYR B 42 14.31 10.43 1.52
C TYR B 42 14.46 10.69 0.03
N TYR B 43 13.53 11.47 -0.54
CA TYR B 43 13.46 11.81 -1.98
C TYR B 43 13.71 10.55 -2.84
N GLN B 44 14.70 10.56 -3.72
CA GLN B 44 14.90 9.48 -4.71
C GLN B 44 15.66 8.29 -4.11
N HIS B 45 16.02 8.37 -2.85
CA HIS B 45 16.93 7.39 -2.24
C HIS B 45 16.17 6.19 -1.67
N SER B 46 15.41 5.49 -2.48
CA SER B 46 14.59 4.34 -2.05
C SER B 46 15.44 3.08 -1.99
N ILE B 47 14.99 2.11 -1.21
CA ILE B 47 15.74 0.84 -1.14
C ILE B 47 15.65 0.13 -2.51
N GLN B 48 14.51 0.23 -3.19
CA GLN B 48 14.37 -0.42 -4.53
C GLN B 48 15.42 0.22 -5.47
N ASN B 49 15.58 1.54 -5.43
CA ASN B 49 16.58 2.22 -6.28
C ASN B 49 17.99 1.76 -5.91
N ALA B 50 18.26 1.54 -4.63
CA ALA B 50 19.64 1.13 -4.26
C ALA B 50 19.87 -0.30 -4.75
N TYR B 51 18.90 -1.19 -4.58
CA TYR B 51 19.03 -2.60 -4.98
C TYR B 51 19.24 -2.66 -6.49
N GLU B 52 18.51 -1.82 -7.25
CA GLU B 52 18.40 -1.88 -8.72
C GLU B 52 19.50 -1.04 -9.41
N GLY B 53 20.45 -0.44 -8.69
CA GLY B 53 21.61 0.23 -9.30
C GLY B 53 21.30 1.67 -9.71
N ILE B 54 20.23 2.26 -9.17
CA ILE B 54 19.71 3.58 -9.62
C ILE B 54 20.24 4.70 -8.70
N ASP B 55 20.21 4.55 -7.37
CA ASP B 55 20.70 5.61 -6.44
C ASP B 55 20.95 5.00 -5.06
N PHE B 56 21.71 5.66 -4.22
CA PHE B 56 21.91 5.13 -2.86
C PHE B 56 20.60 5.18 -2.09
N PHE B 57 20.45 4.28 -1.10
CA PHE B 57 19.32 4.32 -0.17
C PHE B 57 19.64 5.30 0.94
N TRP B 58 18.66 6.12 1.28
CA TRP B 58 18.78 7.06 2.41
C TRP B 58 17.46 6.98 3.17
N GLY B 59 17.53 6.41 4.36
CA GLY B 59 16.37 6.22 5.24
C GLY B 59 16.48 7.14 6.43
N LYS B 60 15.32 7.40 7.04
CA LYS B 60 15.26 8.15 8.32
C LYS B 60 15.82 7.28 9.44
N LYS B 61 15.85 7.82 10.66
CA LYS B 61 16.56 7.13 11.76
C LYS B 61 16.00 5.74 11.92
N PRO B 62 16.83 4.67 11.81
CA PRO B 62 16.37 3.35 12.20
C PRO B 62 15.83 3.25 13.63
N LYS B 63 14.80 2.44 13.76
CA LYS B 63 14.22 2.09 15.07
C LYS B 63 14.37 0.60 15.28
N LYS B 64 14.45 0.19 16.55
CA LYS B 64 14.48 -1.23 16.88
C LYS B 64 13.31 -1.96 16.22
N GLY B 65 13.59 -3.07 15.55
CA GLY B 65 12.60 -3.92 14.88
C GLY B 65 12.45 -3.55 13.40
N ASP B 66 13.01 -2.42 12.96
CA ASP B 66 12.97 -2.08 11.50
C ASP B 66 13.58 -3.22 10.69
N THR B 67 13.02 -3.42 9.51
CA THR B 67 13.54 -4.41 8.56
C THR B 67 13.65 -3.80 7.16
N LEU B 68 14.51 -4.42 6.38
CA LEU B 68 14.68 -4.12 4.94
C LEU B 68 14.85 -5.50 4.31
N GLU B 69 13.96 -5.89 3.43
CA GLU B 69 13.83 -7.31 3.00
C GLU B 69 13.84 -7.41 1.48
N PHE B 70 14.55 -8.41 0.98
CA PHE B 70 14.60 -8.80 -0.43
CA PHE B 70 14.59 -8.78 -0.44
C PHE B 70 14.04 -10.21 -0.54
N TRP B 71 12.95 -10.37 -1.26
CA TRP B 71 12.30 -11.70 -1.43
C TRP B 71 12.49 -12.15 -2.86
N TYR B 72 12.77 -13.43 -3.04
CA TYR B 72 13.07 -14.03 -4.36
C TYR B 72 11.98 -15.03 -4.75
N GLY B 73 11.75 -15.10 -6.06
CA GLY B 73 10.63 -15.89 -6.62
C GLY B 73 10.98 -17.36 -6.76
N ARG B 74 12.26 -17.71 -6.74
CA ARG B 74 12.71 -19.13 -6.79
C ARG B 74 13.94 -19.24 -5.89
N PRO B 75 14.29 -20.44 -5.42
CA PRO B 75 15.47 -20.58 -4.58
C PRO B 75 16.68 -19.93 -5.25
N LEU B 76 17.35 -19.05 -4.51
CA LEU B 76 18.47 -18.25 -5.04
C LEU B 76 19.75 -18.70 -4.36
N GLN B 77 20.73 -19.16 -5.12
CA GLN B 77 21.99 -19.56 -4.49
C GLN B 77 22.88 -18.32 -4.46
N ILE B 78 23.44 -18.05 -3.29
CA ILE B 78 24.29 -16.87 -3.07
C ILE B 78 25.64 -17.34 -2.57
N LYS B 79 26.67 -16.61 -2.95
CA LYS B 79 28.06 -16.87 -2.55
C LYS B 79 28.50 -15.84 -1.53
N ARG B 80 28.17 -14.56 -1.74
CA ARG B 80 28.63 -13.45 -0.88
CA ARG B 80 28.59 -13.50 -0.81
C ARG B 80 27.50 -12.44 -0.74
N VAL B 81 27.48 -11.73 0.36
CA VAL B 81 26.62 -10.53 0.41
CA VAL B 81 26.56 -10.57 0.57
C VAL B 81 27.44 -9.38 0.96
N THR B 82 27.09 -8.21 0.46
CA THR B 82 27.74 -6.95 0.87
C THR B 82 26.66 -5.90 1.04
N PHE B 83 26.55 -5.34 2.24
CA PHE B 83 25.75 -4.15 2.50
C PHE B 83 26.69 -3.13 3.09
N ARG B 84 26.96 -2.05 2.37
CA ARG B 84 27.86 -0.99 2.81
C ARG B 84 27.02 0.17 3.26
N SER B 85 27.09 0.52 4.54
CA SER B 85 26.32 1.64 5.07
C SER B 85 27.21 2.86 5.25
N GLY B 86 26.56 4.01 5.37
CA GLY B 86 27.21 5.31 5.31
C GLY B 86 27.70 5.58 3.91
N ASN B 87 28.22 6.79 3.73
CA ASN B 87 29.04 7.08 2.53
C ASN B 87 30.04 8.17 2.92
N ALA B 88 30.92 8.51 1.99
CA ALA B 88 32.04 9.43 2.26
C ALA B 88 31.51 10.79 2.74
N GLU B 89 30.34 11.21 2.27
CA GLU B 89 29.75 12.53 2.63
C GLU B 89 28.94 12.48 3.93
N HIS B 90 28.58 11.29 4.42
CA HIS B 90 27.69 11.08 5.59
C HIS B 90 28.16 9.85 6.35
N ILE B 91 29.33 9.95 6.97
CA ILE B 91 30.02 8.75 7.51
C ILE B 91 29.27 8.26 8.76
N THR B 92 28.47 9.12 9.37
CA THR B 92 27.63 8.79 10.55
C THR B 92 26.43 7.91 10.18
N ASP B 93 25.99 7.92 8.92
CA ASP B 93 24.65 7.40 8.55
C ASP B 93 24.76 5.89 8.27
N GLN B 94 25.07 5.13 9.31
CA GLN B 94 25.38 3.70 9.19
C GLN B 94 24.22 2.90 9.70
N PHE B 95 24.23 1.62 9.39
CA PHE B 95 23.39 0.65 10.12
C PHE B 95 24.21 0.27 11.35
N TYR B 96 23.77 0.70 12.51
CA TYR B 96 24.34 0.33 13.82
C TYR B 96 23.46 -0.77 14.40
N ASN B 97 24.07 -1.69 15.14
CA ASN B 97 23.29 -2.74 15.87
C ASN B 97 22.26 -3.41 14.99
N THR B 98 22.74 -3.82 13.81
CA THR B 98 21.90 -4.39 12.74
C THR B 98 22.54 -5.67 12.25
N VAL B 99 21.70 -6.63 11.95
CA VAL B 99 22.16 -7.91 11.39
C VAL B 99 21.66 -8.08 9.96
N VAL B 100 22.40 -8.91 9.26
CA VAL B 100 21.97 -9.47 7.96
C VAL B 100 21.51 -10.89 8.24
N GLU B 101 20.35 -11.23 7.74
CA GLU B 101 19.76 -12.55 7.97
C GLU B 101 19.28 -13.11 6.67
N VAL B 102 19.22 -14.42 6.58
CA VAL B 102 18.64 -15.08 5.39
C VAL B 102 17.53 -16.01 5.85
N LEU B 103 16.55 -16.13 4.98
CA LEU B 103 15.48 -17.12 5.14
C LEU B 103 15.82 -18.23 4.19
N PRO B 104 16.26 -19.40 4.67
CA PRO B 104 16.60 -20.49 3.78
C PRO B 104 15.39 -20.88 2.92
N ALA B 105 15.63 -21.25 1.67
CA ALA B 105 14.61 -21.77 0.73
C ALA B 105 13.92 -22.98 1.34
N PHE B 106 14.65 -23.83 2.07
CA PHE B 106 14.13 -25.10 2.63
C PHE B 106 14.39 -25.09 4.14
N GLY B 107 13.33 -24.79 4.88
CA GLY B 107 13.31 -24.62 6.34
C GLY B 107 12.08 -23.81 6.69
N ASP B 108 11.87 -23.40 7.94
CA ASP B 108 10.55 -22.80 8.26
C ASP B 108 10.68 -21.28 8.14
N ASN B 109 9.71 -20.55 8.68
CA ASN B 109 9.53 -19.11 8.36
C ASN B 109 10.54 -18.24 9.11
N ASN B 110 11.51 -18.83 9.80
CA ASN B 110 12.46 -18.07 10.67
C ASN B 110 13.70 -17.74 9.85
N PHE B 111 14.10 -16.48 9.94
CA PHE B 111 15.38 -15.99 9.37
C PHE B 111 16.52 -16.40 10.31
N THR B 112 17.69 -16.71 9.76
CA THR B 112 18.93 -16.98 10.51
C THR B 112 19.89 -15.82 10.26
N THR B 113 20.48 -15.31 11.32
CA THR B 113 21.51 -14.25 11.25
C THR B 113 22.77 -14.83 10.63
N ILE B 114 23.34 -14.15 9.64
CA ILE B 114 24.63 -14.57 9.02
C ILE B 114 25.72 -13.53 9.26
N LEU B 115 25.43 -12.23 9.38
CA LEU B 115 26.46 -11.20 9.48
C LEU B 115 25.96 -10.09 10.37
N HIS B 116 26.93 -9.39 10.97
CA HIS B 116 26.72 -8.16 11.75
C HIS B 116 27.36 -7.02 10.98
N PHE B 117 26.77 -5.85 11.05
CA PHE B 117 27.45 -4.60 10.59
C PHE B 117 28.62 -4.34 11.52
N ASP B 118 29.78 -4.09 10.95
CA ASP B 118 31.06 -3.98 11.69
C ASP B 118 31.30 -2.52 12.07
N GLU B 119 32.49 -2.26 12.57
CA GLU B 119 32.86 -0.94 13.11
C GLU B 119 33.01 0.12 12.02
N PHE B 120 32.98 -0.31 10.75
CA PHE B 120 32.99 0.57 9.56
C PHE B 120 31.60 0.69 8.97
N GLY B 121 30.58 0.07 9.56
CA GLY B 121 29.23 0.08 8.99
C GLY B 121 29.11 -0.84 7.80
N LEU B 122 29.98 -1.82 7.69
CA LEU B 122 29.96 -2.76 6.55
C LEU B 122 29.49 -4.12 7.05
N ALA B 123 28.59 -4.76 6.32
CA ALA B 123 28.26 -6.18 6.53
C ALA B 123 28.65 -6.88 5.24
N ASP B 124 29.72 -7.62 5.26
CA ASP B 124 30.30 -8.21 4.04
C ASP B 124 30.85 -9.57 4.41
N GLY B 125 30.51 -10.58 3.66
CA GLY B 125 31.12 -11.90 3.88
C GLY B 125 30.63 -12.93 2.91
N ASP B 126 31.39 -14.02 2.82
CA ASP B 126 30.96 -15.25 2.16
C ASP B 126 29.83 -15.87 2.95
N VAL B 127 28.88 -16.44 2.25
CA VAL B 127 27.74 -17.15 2.87
C VAL B 127 28.08 -18.64 2.94
N GLU B 128 27.92 -19.22 4.11
CA GLU B 128 28.19 -20.67 4.34
C GLU B 128 27.20 -21.46 3.47
N GLU B 129 27.63 -22.60 2.94
CA GLU B 129 26.80 -23.47 2.04
C GLU B 129 25.40 -23.68 2.60
N GLU B 130 25.25 -23.98 3.90
CA GLU B 130 23.96 -24.42 4.49
C GLU B 130 22.96 -23.25 4.53
N PHE B 131 23.42 -22.01 4.40
CA PHE B 131 22.54 -20.82 4.40
C PHE B 131 22.55 -20.18 3.00
N SER B 132 23.11 -20.87 2.02
CA SER B 132 23.42 -20.26 0.70
C SER B 132 22.24 -20.37 -0.25
N LEU B 133 21.23 -21.21 0.02
CA LEU B 133 20.08 -21.31 -0.90
C LEU B 133 18.88 -20.66 -0.23
N VAL B 134 18.50 -19.48 -0.71
CA VAL B 134 17.63 -18.59 0.08
C VAL B 134 16.33 -18.27 -0.64
N LYS B 135 15.36 -17.96 0.18
CA LYS B 135 14.08 -17.34 -0.23
C LYS B 135 14.13 -15.83 -0.04
N ALA B 136 14.83 -15.36 0.98
CA ALA B 136 14.84 -13.93 1.29
C ALA B 136 16.14 -13.60 2.01
N ILE B 137 16.52 -12.35 1.90
CA ILE B 137 17.66 -11.75 2.63
C ILE B 137 17.12 -10.53 3.30
N ARG B 138 17.48 -10.26 4.54
CA ARG B 138 17.03 -8.99 5.11
C ARG B 138 18.06 -8.40 6.04
N LEU B 139 17.85 -7.14 6.32
CA LEU B 139 18.47 -6.44 7.44
C LEU B 139 17.43 -6.30 8.54
N ARG B 140 17.87 -6.51 9.77
CA ARG B 140 17.00 -6.28 10.95
C ARG B 140 17.73 -5.44 11.98
N VAL B 141 17.07 -4.39 12.42
CA VAL B 141 17.66 -3.38 13.32
C VAL B 141 17.32 -3.76 14.77
N ASN B 142 18.35 -3.82 15.61
CA ASN B 142 18.23 -4.22 17.05
C ASN B 142 18.15 -3.03 17.99
N ALA B 143 18.44 -1.81 17.58
CA ALA B 143 18.47 -0.63 18.47
C ALA B 143 18.12 0.61 17.68
N ASP B 144 17.42 1.54 18.31
CA ASP B 144 17.20 2.89 17.77
C ASP B 144 18.55 3.53 17.46
N SER B 145 18.63 4.25 16.34
CA SER B 145 19.79 5.10 15.98
C SER B 145 19.46 6.58 16.15
N LYS B 146 20.49 7.38 16.41
CA LYS B 146 20.42 8.85 16.41
C LYS B 146 20.71 9.43 15.04
N TYR B 147 21.04 8.59 14.05
CA TYR B 147 21.39 9.07 12.70
C TYR B 147 20.43 8.47 11.67
N TRP B 148 20.28 9.17 10.54
CA TRP B 148 19.69 8.57 9.32
C TRP B 148 20.60 7.43 8.87
N VAL B 149 20.18 6.74 7.83
CA VAL B 149 20.94 5.55 7.38
C VAL B 149 21.09 5.57 5.86
N ILE B 150 22.29 5.27 5.40
CA ILE B 150 22.57 5.18 3.96
C ILE B 150 23.04 3.76 3.66
N LEU B 151 22.57 3.20 2.56
CA LEU B 151 23.28 2.08 1.94
C LEU B 151 23.86 2.62 0.64
N SER B 152 25.17 2.61 0.56
CA SER B 152 25.90 3.08 -0.64
C SER B 152 26.36 1.92 -1.51
N GLU B 153 26.20 0.68 -1.07
CA GLU B 153 26.52 -0.48 -1.91
C GLU B 153 25.70 -1.66 -1.41
N ILE B 154 25.02 -2.33 -2.31
CA ILE B 154 24.34 -3.60 -2.04
C ILE B 154 24.76 -4.55 -3.12
N TYR B 155 25.41 -5.64 -2.76
CA TYR B 155 25.87 -6.60 -3.77
C TYR B 155 25.57 -8.01 -3.30
N ILE B 156 24.62 -8.66 -3.96
CA ILE B 156 24.30 -10.07 -3.67
C ILE B 156 24.98 -10.90 -4.75
N GLN B 157 26.13 -11.49 -4.41
CA GLN B 157 27.00 -12.19 -5.36
C GLN B 157 26.54 -13.64 -5.44
N THR B 158 26.34 -14.10 -6.66
CA THR B 158 25.84 -15.45 -6.95
C THR B 158 27.04 -16.26 -7.43
N PRO B 159 26.93 -17.58 -7.60
CA PRO B 159 28.02 -18.35 -8.20
C PRO B 159 28.13 -18.12 -9.73
N ASP B 160 27.06 -17.62 -10.37
CA ASP B 160 26.93 -17.59 -11.87
C ASP B 160 27.72 -16.41 -12.46
N GLU B 161 28.24 -15.52 -11.61
CA GLU B 161 29.00 -14.30 -12.02
C GLU B 161 30.42 -14.69 -12.41
C1 NAG C . -18.43 -13.72 -4.87
C2 NAG C . -19.73 -13.01 -5.17
C3 NAG C . -20.02 -11.92 -4.12
C4 NAG C . -19.96 -12.50 -2.68
C5 NAG C . -18.59 -13.16 -2.55
C6 NAG C . -18.31 -13.71 -1.16
C7 NAG C . -20.36 -13.28 -7.53
C8 NAG C . -19.94 -13.00 -8.93
N2 NAG C . -19.69 -12.61 -6.57
O1 NAG C . -18.26 -14.83 -5.77
O3 NAG C . -21.32 -11.42 -4.41
O4 NAG C . -20.23 -11.57 -1.55
O5 NAG C . -18.44 -14.19 -3.52
O6 NAG C . -19.31 -14.68 -0.81
O7 NAG C . -21.22 -14.13 -7.31
C1 EDO D . -21.28 -8.77 7.91
O1 EDO D . -21.33 -9.08 9.29
C2 EDO D . -19.92 -8.41 7.44
O2 EDO D . -18.97 -9.47 7.58
C1 EDO E . -26.68 22.67 1.85
O1 EDO E . -25.86 22.92 0.76
C2 EDO E . -28.08 22.65 1.46
O2 EDO E . -29.00 22.36 2.48
C1 EDO F . -9.56 -0.65 -7.72
O1 EDO F . -10.91 -0.29 -7.59
C2 EDO F . -9.32 -1.32 -9.01
O2 EDO F . -9.58 -2.70 -8.96
C1 NAG G . 19.90 14.83 9.23
C2 NAG G . 20.83 14.37 8.12
C3 NAG G . 21.35 12.97 8.39
C4 NAG G . 21.86 12.83 9.82
C5 NAG G . 20.86 13.39 10.84
C6 NAG G . 21.38 13.38 12.27
C7 NAG G . 20.50 15.24 5.85
C8 NAG G . 19.63 15.27 4.62
N2 NAG G . 20.16 14.42 6.84
O1 NAG G . 19.54 16.18 8.99
O3 NAG G . 22.40 12.72 7.45
O4 NAG G . 22.08 11.46 10.16
O5 NAG G . 20.56 14.74 10.48
O6 NAG G . 22.58 14.15 12.35
O7 NAG G . 21.47 15.98 5.93
C1 EDO H . 25.04 5.57 16.84
O1 EDO H . 25.52 5.55 18.18
C2 EDO H . 23.60 5.25 16.77
O2 EDO H . 22.79 6.22 17.42
#